data_8F0N
#
_entry.id   8F0N
#
_cell.length_a   30.012
_cell.length_b   50.353
_cell.length_c   94.584
_cell.angle_alpha   90.000
_cell.angle_beta   95.703
_cell.angle_gamma   90.000
#
_symmetry.space_group_name_H-M   'P 1 21 1'
#
loop_
_entity.id
_entity.type
_entity.pdbx_description
1 polymer 'RNA (49-MER)'
2 non-polymer 'POTASSIUM ION'
3 non-polymer (5Z)-5-[(3,5-difluoro-4-hydroxyphenyl)methylidene]-2-[(E)-(hydroxyimino)methyl]-3-methyl-3,5-dihydro-4H-imidazol-4-one
4 water water
#
_entity_poly.entity_id   1
_entity_poly.type   'polyribonucleotide'
_entity_poly.pdbx_seq_one_letter_code
;GCGCCGGUUAGGCAGUGGUGGGUGGUGUGGAGGAGUAGCUGUCCGGCGC
;
_entity_poly.pdbx_strand_id   B,A
#
loop_
_chem_comp.id
_chem_comp.type
_chem_comp.name
_chem_comp.formula
747 non-polymer (5Z)-5-[(3,5-difluoro-4-hydroxyphenyl)methylidene]-2-[(E)-(hydroxyimino)methyl]-3-methyl-3,5-dihydro-4H-imidazol-4-one 'C12 H9 F2 N3 O3'
A RNA linking ADENOSINE-5'-MONOPHOSPHATE 'C10 H14 N5 O7 P'
C RNA linking CYTIDINE-5'-MONOPHOSPHATE 'C9 H14 N3 O8 P'
G RNA linking GUANOSINE-5'-MONOPHOSPHATE 'C10 H14 N5 O8 P'
K non-polymer 'POTASSIUM ION' 'K 1'
U RNA linking URIDINE-5'-MONOPHOSPHATE 'C9 H13 N2 O9 P'
#
# COMPACT_ATOMS: atom_id res chain seq x y z
K K C . -2.12 -2.22 -1.51
K K D . -3.85 -4.83 -2.91
F1 747 E . -12.63 -5.60 -11.14
C2 747 E . -11.47 -6.29 -11.23
C1 747 E . -10.78 -6.22 -12.42
O1 747 E . -11.28 -5.43 -13.53
C3 747 E . -11.03 -7.03 -10.16
C4 747 E . -9.78 -7.77 -10.27
C5 747 E . -9.08 -7.70 -11.47
C 747 E . -9.55 -6.93 -12.57
F 747 E . -8.87 -6.86 -13.76
C6 747 E . -9.20 -8.63 -9.11
C7 747 E . -9.76 -8.86 -7.92
C10 747 E . -9.12 -9.62 -6.73
C12 747 E . -11.34 -8.94 -6.13
N13 747 E . -11.12 -8.48 -7.51
O14 747 E . -8.01 -10.12 -6.66
N15 747 E . -10.10 -9.65 -5.65
C16 747 E . -9.90 -10.27 -4.34
C17 747 E . -12.68 -8.71 -5.31
N18 747 E . -13.09 -9.58 -4.44
O19 747 E . -14.31 -9.31 -3.71
K K F . 0.38 0.12 0.27
K K G . 2.14 2.24 1.99
K K H . 3.92 4.92 2.96
F1 747 I . 14.34 6.29 5.27
C2 747 I . 13.61 6.50 6.38
C1 747 I . 13.97 5.90 7.58
O1 747 I . 15.12 5.04 7.70
C3 747 I . 12.52 7.32 6.29
C4 747 I . 11.73 7.56 7.47
C5 747 I . 12.06 6.97 8.69
C 747 I . 13.18 6.14 8.74
F 747 I . 13.61 5.52 9.85
C6 747 I . 10.51 8.49 7.25
C7 747 I . 9.64 8.81 8.19
C10 747 I . 8.35 9.55 7.93
C12 747 I . 8.55 9.08 10.27
N13 747 I . 9.74 8.53 9.62
O14 747 I . 7.98 9.93 6.84
N15 747 I . 7.68 9.71 9.21
C16 747 I . 6.40 10.39 9.40
C17 747 I . 8.34 8.96 11.86
N18 747 I . 7.87 9.90 12.61
O19 747 I . 7.46 11.20 12.10
#